data_3ATW
#
_entry.id   3ATW
#
_cell.length_a   54.517
_cell.length_b   58.546
_cell.length_c   67.745
_cell.angle_alpha   94.29
_cell.angle_beta   104.03
_cell.angle_gamma   106.64
#
_symmetry.space_group_name_H-M   'P 1'
#
loop_
_entity.id
_entity.type
_entity.pdbx_description
1 polymer '3C-Like Proteinase'
2 polymer 'peptide ACE-THR-VAL-ALC-HIS-H'
3 water water
#
loop_
_entity_poly.entity_id
_entity_poly.type
_entity_poly.pdbx_seq_one_letter_code
_entity_poly.pdbx_strand_id
1 'polypeptide(L)'
;SGFRKMAFPSGKVEGCMVQVTCGTTTLNGLWLDDTVYCPRHVICTAEDMLNPNYEDLLIRKSNHSFLVQAGNVQLRVIGH
SMQNCLLRLKVDTSNPKTPKYKFVRIQPGQTFSVLACYNGSPSGVYQCAMRPNHTIKGSFLNGSCGSVGFNIDYDCVSFC
YMHHMELPTGVHAGTDLEGKFYGPFVDIQTAQAAGTDTTITLNVLAWLYAAVINGDRWFLNRFTTTLNDFNLVAMKYNYE
PLTQDHVDILGPLSAQTGIAVLDMCAALKELLQNGMNGRTILGSTILEDEFTPFDVVRQCSGVTFQ
;
A,B
2 'polypeptide(L)' (ACE)TV(ALC)(HSV) C,D
#
loop_
_chem_comp.id
_chem_comp.type
_chem_comp.name
_chem_comp.formula
ACE non-polymer 'ACETYL GROUP' 'C2 H4 O'
#
# COMPACT_ATOMS: atom_id res chain seq x y z
N SER A 1 13.87 -1.43 -10.39
CA SER A 1 13.54 -2.81 -9.92
C SER A 1 12.70 -2.76 -8.67
N GLY A 2 12.30 -3.94 -8.19
CA GLY A 2 11.44 -4.08 -7.03
C GLY A 2 9.99 -4.10 -7.45
N PHE A 3 9.19 -4.90 -6.73
CA PHE A 3 7.76 -5.06 -6.99
C PHE A 3 6.98 -5.05 -5.69
N ARG A 4 6.12 -4.05 -5.54
CA ARG A 4 5.35 -3.76 -4.34
C ARG A 4 3.84 -3.69 -4.58
N LYS A 5 3.05 -4.09 -3.58
CA LYS A 5 1.62 -3.78 -3.58
C LYS A 5 1.47 -2.27 -3.70
N MET A 6 0.82 -1.83 -4.75
CA MET A 6 0.78 -0.41 -5.04
C MET A 6 -0.65 0.06 -5.25
N ALA A 7 -1.02 1.06 -4.47
CA ALA A 7 -2.29 1.73 -4.56
C ALA A 7 -2.14 2.96 -5.44
N PHE A 8 -3.23 3.40 -6.05
CA PHE A 8 -3.26 4.65 -6.78
C PHE A 8 -3.05 5.81 -5.79
N PRO A 9 -2.53 6.97 -6.27
CA PRO A 9 -2.49 8.17 -5.45
C PRO A 9 -3.92 8.47 -5.00
N SER A 10 -4.11 8.72 -3.70
CA SER A 10 -5.46 8.82 -3.14
C SER A 10 -6.00 10.25 -2.98
N GLY A 11 -5.18 11.25 -3.30
CA GLY A 11 -5.55 12.67 -3.20
C GLY A 11 -6.93 13.07 -3.69
N LYS A 12 -7.27 12.64 -4.90
CA LYS A 12 -8.57 13.00 -5.50
C LYS A 12 -9.75 12.42 -4.73
N VAL A 13 -9.58 11.24 -4.14
CA VAL A 13 -10.61 10.62 -3.31
C VAL A 13 -10.71 11.27 -1.94
N GLU A 14 -9.57 11.68 -1.37
CA GLU A 14 -9.52 12.34 -0.05
C GLU A 14 -10.41 13.59 0.03
N GLY A 15 -10.35 14.42 -1.01
CA GLY A 15 -11.15 15.65 -1.07
C GLY A 15 -12.63 15.43 -1.30
N CYS A 16 -13.04 14.16 -1.31
CA CYS A 16 -14.43 13.74 -1.47
C CYS A 16 -14.98 13.14 -0.20
N MET A 17 -14.11 12.84 0.75
CA MET A 17 -14.54 12.21 2.00
C MET A 17 -15.12 13.19 3.00
N VAL A 18 -16.32 12.88 3.48
CA VAL A 18 -17.03 13.62 4.52
C VAL A 18 -17.53 12.71 5.66
N GLN A 19 -18.03 13.31 6.73
CA GLN A 19 -18.57 12.58 7.87
C GLN A 19 -20.09 12.63 7.84
N VAL A 20 -20.72 11.48 8.09
CA VAL A 20 -22.19 11.38 8.05
C VAL A 20 -22.68 10.77 9.36
N THR A 21 -23.56 11.50 10.05
CA THR A 21 -24.09 11.10 11.34
C THR A 21 -25.61 11.05 11.31
N CYS A 22 -26.15 9.92 11.78
CA CYS A 22 -27.56 9.75 12.00
C CYS A 22 -27.71 9.08 13.36
N GLY A 23 -28.33 9.80 14.31
CA GLY A 23 -28.49 9.32 15.68
C GLY A 23 -27.13 9.23 16.34
N THR A 24 -26.83 8.06 16.91
CA THR A 24 -25.54 7.82 17.57
C THR A 24 -24.55 7.04 16.67
N THR A 25 -24.79 7.02 15.35
CA THR A 25 -23.90 6.36 14.41
C THR A 25 -23.19 7.38 13.54
N THR A 26 -21.87 7.27 13.50
CA THR A 26 -21.06 8.09 12.64
C THR A 26 -20.24 7.19 11.71
N LEU A 27 -20.32 7.47 10.41
CA LEU A 27 -19.59 6.73 9.39
C LEU A 27 -19.23 7.70 8.28
N ASN A 28 -18.69 7.17 7.19
CA ASN A 28 -18.12 7.98 6.12
C ASN A 28 -19.04 8.13 4.93
N GLY A 29 -18.95 9.30 4.29
CA GLY A 29 -19.74 9.62 3.12
C GLY A 29 -18.83 10.02 1.97
N LEU A 30 -19.28 9.75 0.74
CA LEU A 30 -18.60 10.16 -0.48
C LEU A 30 -19.37 11.33 -1.11
N TRP A 31 -18.72 12.49 -1.14
CA TRP A 31 -19.33 13.74 -1.59
C TRP A 31 -18.90 14.12 -2.99
N LEU A 32 -19.83 13.98 -3.93
CA LEU A 32 -19.59 14.27 -5.35
C LEU A 32 -20.67 15.20 -5.85
N ASP A 33 -20.23 16.32 -6.44
CA ASP A 33 -21.13 17.40 -6.81
C ASP A 33 -21.95 17.77 -5.58
N ASP A 34 -23.27 17.78 -5.68
CA ASP A 34 -24.10 18.12 -4.51
C ASP A 34 -24.76 16.91 -3.83
N THR A 35 -24.19 15.72 -4.05
CA THR A 35 -24.70 14.46 -3.48
C THR A 35 -23.70 13.81 -2.53
N VAL A 36 -24.20 13.28 -1.41
CA VAL A 36 -23.39 12.50 -0.48
C VAL A 36 -23.91 11.05 -0.37
N TYR A 37 -23.05 10.10 -0.73
CA TYR A 37 -23.35 8.67 -0.67
C TYR A 37 -22.79 8.04 0.59
N CYS A 38 -23.60 7.21 1.26
CA CYS A 38 -23.16 6.46 2.43
C CYS A 38 -24.00 5.19 2.57
N PRO A 39 -23.52 4.19 3.34
CA PRO A 39 -24.34 2.99 3.51
C PRO A 39 -25.65 3.35 4.21
N ARG A 40 -26.74 2.73 3.78
CA ARG A 40 -28.06 3.05 4.33
C ARG A 40 -28.25 2.57 5.78
N HIS A 41 -27.47 1.59 6.21
CA HIS A 41 -27.61 1.08 7.58
C HIS A 41 -27.27 2.11 8.68
N VAL A 42 -26.88 3.32 8.25
CA VAL A 42 -26.61 4.45 9.14
C VAL A 42 -27.89 4.91 9.88
N ILE A 43 -29.06 4.57 9.32
CA ILE A 43 -30.36 4.94 9.90
C ILE A 43 -30.88 3.91 10.93
N CYS A 44 -30.23 2.76 10.99
CA CYS A 44 -30.58 1.68 11.92
C CYS A 44 -30.13 1.92 13.35
N THR A 45 -31.01 1.60 14.30
CA THR A 45 -30.62 1.47 15.70
C THR A 45 -30.13 0.03 15.87
N ALA A 46 -29.47 -0.26 17.00
CA ALA A 46 -28.97 -1.60 17.29
C ALA A 46 -30.02 -2.71 17.07
N GLU A 47 -31.24 -2.47 17.56
CA GLU A 47 -32.36 -3.40 17.36
C GLU A 47 -32.83 -3.50 15.90
N ASP A 48 -32.82 -2.38 15.16
CA ASP A 48 -33.16 -2.38 13.72
C ASP A 48 -32.22 -3.29 12.90
N MET A 49 -30.92 -3.22 13.19
CA MET A 49 -29.89 -3.99 12.49
C MET A 49 -30.20 -5.48 12.36
N LEU A 50 -31.02 -5.97 13.29
CA LEU A 50 -31.37 -7.40 13.35
C LEU A 50 -32.31 -7.85 12.23
N ASN A 51 -33.34 -7.05 11.94
CA ASN A 51 -34.28 -7.34 10.84
C ASN A 51 -34.88 -6.03 10.28
N PRO A 52 -34.05 -5.21 9.61
CA PRO A 52 -34.50 -3.88 9.24
C PRO A 52 -35.50 -3.87 8.10
N ASN A 53 -36.40 -2.90 8.13
CA ASN A 53 -37.18 -2.59 6.96
C ASN A 53 -36.82 -1.18 6.55
N TYR A 54 -35.95 -1.10 5.55
CA TYR A 54 -35.28 0.17 5.19
C TYR A 54 -36.19 1.23 4.63
N GLU A 55 -37.17 0.83 3.82
CA GLU A 55 -38.15 1.76 3.30
C GLU A 55 -38.93 2.39 4.46
N ASP A 56 -39.40 1.53 5.38
CA ASP A 56 -40.07 1.96 6.60
C ASP A 56 -39.16 2.88 7.43
N LEU A 57 -37.89 2.53 7.55
CA LEU A 57 -36.98 3.30 8.40
C LEU A 57 -36.69 4.67 7.79
N LEU A 58 -36.58 4.72 6.47
CA LEU A 58 -36.25 5.96 5.77
C LEU A 58 -37.39 6.99 5.69
N ILE A 59 -38.65 6.54 5.53
CA ILE A 59 -39.77 7.50 5.57
C ILE A 59 -39.96 8.14 6.94
N ARG A 60 -39.54 7.44 7.98
CA ARG A 60 -39.68 7.94 9.36
C ARG A 60 -38.58 8.94 9.71
N LYS A 61 -37.69 9.21 8.76
CA LYS A 61 -36.57 10.16 8.92
C LYS A 61 -36.80 11.43 8.10
N SER A 62 -36.05 12.49 8.41
CA SER A 62 -36.13 13.72 7.64
C SER A 62 -34.74 14.23 7.26
N ASN A 63 -34.68 15.38 6.57
CA ASN A 63 -33.43 16.01 6.21
C ASN A 63 -32.55 16.39 7.42
N HIS A 64 -33.19 16.81 8.52
CA HIS A 64 -32.44 17.15 9.75
C HIS A 64 -31.99 15.93 10.58
N SER A 65 -32.43 14.73 10.18
CA SER A 65 -31.98 13.47 10.78
C SER A 65 -30.52 13.16 10.45
N PHE A 66 -30.00 13.82 9.40
CA PHE A 66 -28.63 13.57 8.93
C PHE A 66 -27.73 14.78 9.13
N LEU A 67 -26.58 14.54 9.77
CA LEU A 67 -25.55 15.56 9.94
C LEU A 67 -24.36 15.22 9.04
N VAL A 68 -24.05 16.12 8.12
CA VAL A 68 -22.93 15.96 7.20
C VAL A 68 -21.87 17.04 7.44
N GLN A 69 -20.65 16.61 7.73
CA GLN A 69 -19.53 17.52 8.00
C GLN A 69 -18.34 17.30 7.06
N ALA A 70 -17.93 18.40 6.42
CA ALA A 70 -16.77 18.44 5.54
C ALA A 70 -15.72 19.27 6.24
N GLY A 71 -14.69 18.61 6.76
CA GLY A 71 -13.75 19.24 7.67
C GLY A 71 -14.58 19.56 8.90
N ASN A 72 -14.57 20.81 9.34
CA ASN A 72 -15.46 21.24 10.42
C ASN A 72 -16.64 22.07 9.90
N VAL A 73 -16.69 22.25 8.58
CA VAL A 73 -17.80 22.94 7.93
C VAL A 73 -19.02 22.00 7.87
N GLN A 74 -20.14 22.49 8.38
CA GLN A 74 -21.39 21.76 8.36
C GLN A 74 -22.06 21.91 7.01
N LEU A 75 -22.42 20.78 6.39
CA LEU A 75 -23.16 20.77 5.13
C LEU A 75 -24.64 20.53 5.40
N ARG A 76 -25.47 21.42 4.86
CA ARG A 76 -26.91 21.36 5.06
C ARG A 76 -27.55 20.35 4.09
N VAL A 77 -28.23 19.35 4.67
CA VAL A 77 -28.95 18.34 3.90
C VAL A 77 -30.32 18.90 3.49
N ILE A 78 -30.56 18.93 2.18
CA ILE A 78 -31.79 19.49 1.61
C ILE A 78 -32.65 18.44 0.88
N GLY A 79 -32.15 17.20 0.82
CA GLY A 79 -32.86 16.10 0.18
C GLY A 79 -32.29 14.75 0.59
N HIS A 80 -33.13 13.72 0.54
CA HIS A 80 -32.70 12.34 0.82
C HIS A 80 -33.54 11.31 0.07
N SER A 81 -32.88 10.24 -0.37
CA SER A 81 -33.54 9.11 -1.00
C SER A 81 -32.69 7.85 -0.93
N MET A 82 -33.30 6.72 -1.23
CA MET A 82 -32.66 5.43 -1.22
C MET A 82 -32.10 5.13 -2.61
N GLN A 83 -30.88 4.59 -2.66
CA GLN A 83 -30.25 4.12 -3.89
C GLN A 83 -29.75 2.72 -3.59
N ASN A 84 -30.68 1.77 -3.69
CA ASN A 84 -30.48 0.38 -3.25
C ASN A 84 -29.98 0.33 -1.81
N CYS A 85 -28.75 -0.12 -1.57
CA CYS A 85 -28.24 -0.18 -0.19
C CYS A 85 -27.49 1.09 0.25
N LEU A 86 -27.58 2.14 -0.56
CA LEU A 86 -26.99 3.42 -0.21
C LEU A 86 -28.04 4.50 -0.04
N LEU A 87 -27.72 5.48 0.80
CA LEU A 87 -28.51 6.70 0.85
C LEU A 87 -27.84 7.75 -0.01
N ARG A 88 -28.65 8.44 -0.81
CA ARG A 88 -28.22 9.63 -1.54
C ARG A 88 -28.72 10.84 -0.74
N LEU A 89 -27.81 11.55 -0.08
CA LEU A 89 -28.16 12.77 0.62
C LEU A 89 -27.81 13.96 -0.28
N LYS A 90 -28.81 14.78 -0.59
CA LYS A 90 -28.60 15.98 -1.39
C LYS A 90 -28.19 17.12 -0.47
N VAL A 91 -27.09 17.78 -0.77
CA VAL A 91 -26.63 18.93 0.01
C VAL A 91 -26.67 20.23 -0.80
N ASP A 92 -26.76 21.36 -0.10
CA ASP A 92 -26.91 22.68 -0.76
C ASP A 92 -25.59 23.22 -1.34
N THR A 93 -24.49 22.56 -1.01
CA THR A 93 -23.17 22.94 -1.50
C THR A 93 -22.58 21.86 -2.40
N SER A 94 -22.10 22.25 -3.55
CA SER A 94 -21.43 21.33 -4.46
C SER A 94 -19.95 21.18 -4.05
N ASN A 95 -19.45 19.95 -4.09
CA ASN A 95 -18.04 19.69 -3.76
C ASN A 95 -17.09 20.35 -4.76
N PRO A 96 -16.36 21.40 -4.32
CA PRO A 96 -15.43 22.07 -5.26
C PRO A 96 -14.22 21.18 -5.61
N LYS A 97 -13.99 20.14 -4.81
CA LYS A 97 -12.91 19.19 -5.09
C LYS A 97 -13.37 17.98 -5.90
N THR A 98 -14.55 18.06 -6.51
CA THR A 98 -15.08 16.93 -7.29
C THR A 98 -14.21 16.64 -8.50
N PRO A 99 -13.66 15.41 -8.58
CA PRO A 99 -12.87 15.06 -9.75
C PRO A 99 -13.77 14.53 -10.85
N LYS A 100 -13.20 14.39 -12.05
CA LYS A 100 -13.85 13.63 -13.09
C LYS A 100 -14.01 12.23 -12.50
N TYR A 101 -15.21 11.68 -12.60
CA TYR A 101 -15.50 10.38 -12.02
C TYR A 101 -16.53 9.55 -12.82
N LYS A 102 -16.58 8.26 -12.50
CA LYS A 102 -17.67 7.39 -12.97
C LYS A 102 -17.83 6.25 -11.98
N PHE A 103 -18.97 5.55 -12.09
CA PHE A 103 -19.31 4.42 -11.26
C PHE A 103 -19.15 3.15 -12.08
N VAL A 104 -18.41 2.19 -11.53
CA VAL A 104 -18.09 0.97 -12.22
C VAL A 104 -18.34 -0.23 -11.31
N ARG A 105 -18.87 -1.29 -11.91
CA ARG A 105 -19.00 -2.52 -11.21
C ARG A 105 -17.78 -3.36 -11.54
N ILE A 106 -16.95 -3.57 -10.52
CA ILE A 106 -15.69 -4.30 -10.65
C ILE A 106 -16.00 -5.80 -10.81
N GLN A 107 -15.17 -6.48 -11.60
CA GLN A 107 -15.36 -7.93 -11.86
C GLN A 107 -14.48 -8.77 -10.94
N PRO A 108 -14.91 -10.02 -10.63
CA PRO A 108 -14.04 -10.88 -9.83
C PRO A 108 -12.68 -11.02 -10.52
N GLY A 109 -11.60 -10.90 -9.74
CA GLY A 109 -10.25 -10.95 -10.28
C GLY A 109 -9.61 -9.58 -10.42
N GLN A 110 -10.43 -8.57 -10.69
CA GLN A 110 -9.93 -7.21 -10.86
C GLN A 110 -9.57 -6.58 -9.52
N THR A 111 -8.69 -5.58 -9.56
CA THR A 111 -8.20 -4.93 -8.34
C THR A 111 -8.61 -3.47 -8.23
N PHE A 112 -8.39 -2.91 -7.04
CA PHE A 112 -8.69 -1.51 -6.73
C PHE A 112 -8.02 -1.09 -5.43
N SER A 113 -7.95 0.23 -5.23
CA SER A 113 -7.38 0.83 -4.04
C SER A 113 -8.48 1.21 -3.04
N VAL A 114 -8.28 0.89 -1.77
CA VAL A 114 -9.22 1.20 -0.71
C VAL A 114 -8.70 2.40 0.06
N LEU A 115 -9.52 3.44 0.21
CA LEU A 115 -9.19 4.53 1.10
C LEU A 115 -10.01 4.34 2.37
N ALA A 116 -9.38 3.77 3.38
CA ALA A 116 -10.05 3.49 4.63
C ALA A 116 -10.13 4.77 5.44
N CYS A 117 -11.36 5.08 5.87
CA CYS A 117 -11.64 6.31 6.57
C CYS A 117 -12.37 6.06 7.88
N TYR A 118 -12.19 6.98 8.81
CA TYR A 118 -12.88 6.94 10.10
C TYR A 118 -13.25 8.38 10.41
N ASN A 119 -14.50 8.57 10.85
CA ASN A 119 -15.04 9.89 11.20
C ASN A 119 -14.89 10.92 10.06
N GLY A 120 -15.09 10.44 8.83
CA GLY A 120 -14.95 11.25 7.62
C GLY A 120 -13.54 11.60 7.23
N SER A 121 -12.56 11.03 7.93
CA SER A 121 -11.17 11.40 7.74
C SER A 121 -10.29 10.27 7.15
N PRO A 122 -9.59 10.56 6.03
CA PRO A 122 -8.75 9.52 5.41
C PRO A 122 -7.71 8.98 6.40
N SER A 123 -7.72 7.66 6.61
CA SER A 123 -6.82 7.03 7.57
C SER A 123 -5.66 6.25 6.91
N GLY A 124 -5.95 5.53 5.82
CA GLY A 124 -4.94 4.75 5.12
C GLY A 124 -5.39 4.24 3.74
N VAL A 125 -4.41 3.83 2.94
CA VAL A 125 -4.69 3.33 1.61
C VAL A 125 -3.99 1.99 1.39
N TYR A 126 -4.70 1.07 0.73
CA TYR A 126 -4.13 -0.23 0.37
C TYR A 126 -4.80 -0.83 -0.85
N GLN A 127 -4.04 -1.66 -1.56
CA GLN A 127 -4.50 -2.31 -2.76
C GLN A 127 -5.22 -3.60 -2.40
N CYS A 128 -6.29 -3.88 -3.15
CA CYS A 128 -7.24 -4.92 -2.81
C CYS A 128 -7.77 -5.61 -4.05
N ALA A 129 -8.25 -6.85 -3.92
CA ALA A 129 -8.89 -7.52 -5.05
C ALA A 129 -10.31 -8.01 -4.74
N MET A 130 -11.19 -7.87 -5.71
CA MET A 130 -12.49 -8.52 -5.67
C MET A 130 -12.26 -10.04 -5.82
N ARG A 131 -12.62 -10.79 -4.77
CA ARG A 131 -12.48 -12.24 -4.80
C ARG A 131 -13.52 -12.89 -5.75
N PRO A 132 -13.19 -14.08 -6.30
CA PRO A 132 -14.19 -14.82 -7.12
C PRO A 132 -15.49 -15.13 -6.38
N ASN A 133 -15.43 -15.23 -5.04
CA ASN A 133 -16.63 -15.43 -4.20
C ASN A 133 -17.31 -14.11 -3.77
N HIS A 134 -16.87 -13.01 -4.39
CA HIS A 134 -17.51 -11.69 -4.30
C HIS A 134 -17.34 -10.98 -2.97
N THR A 135 -16.33 -11.40 -2.21
CA THR A 135 -15.93 -10.73 -0.99
C THR A 135 -14.60 -10.06 -1.25
N ILE A 136 -14.18 -9.24 -0.31
CA ILE A 136 -12.84 -8.68 -0.34
C ILE A 136 -12.13 -8.96 0.97
N LYS A 137 -10.84 -9.30 0.89
CA LYS A 137 -10.03 -9.53 2.07
C LYS A 137 -9.41 -8.22 2.48
N GLY A 138 -10.19 -7.42 3.19
CA GLY A 138 -9.76 -6.07 3.53
C GLY A 138 -9.19 -5.99 4.92
N SER A 139 -8.96 -4.75 5.33
CA SER A 139 -8.53 -4.44 6.66
C SER A 139 -9.44 -3.29 7.09
N PHE A 140 -10.49 -3.63 7.84
CA PHE A 140 -11.51 -2.66 8.23
C PHE A 140 -11.91 -2.79 9.69
N LEU A 141 -12.12 -1.65 10.34
CA LEU A 141 -12.63 -1.60 11.70
C LEU A 141 -13.97 -0.88 11.75
N ASN A 142 -14.65 -0.99 12.88
CA ASN A 142 -15.90 -0.25 13.10
C ASN A 142 -15.68 1.22 12.83
N GLY A 143 -16.59 1.82 12.09
CA GLY A 143 -16.50 3.21 11.72
C GLY A 143 -15.97 3.41 10.32
N SER A 144 -15.49 2.33 9.70
CA SER A 144 -14.94 2.39 8.34
C SER A 144 -16.00 2.37 7.24
N CYS A 145 -17.27 2.11 7.61
CA CYS A 145 -18.36 2.15 6.64
C CYS A 145 -18.36 3.45 5.87
N GLY A 146 -18.53 3.33 4.56
CA GLY A 146 -18.50 4.48 3.67
C GLY A 146 -17.16 4.68 3.01
N SER A 147 -16.11 4.04 3.53
CA SER A 147 -14.82 3.99 2.85
C SER A 147 -15.05 3.41 1.46
N VAL A 148 -14.34 3.94 0.46
CA VAL A 148 -14.55 3.51 -0.92
C VAL A 148 -13.35 2.82 -1.57
N GLY A 149 -13.66 2.06 -2.61
CA GLY A 149 -12.64 1.44 -3.45
C GLY A 149 -12.66 2.14 -4.80
N PHE A 150 -11.48 2.37 -5.38
CA PHE A 150 -11.37 3.10 -6.64
C PHE A 150 -10.17 2.71 -7.50
N ASN A 151 -10.30 2.97 -8.80
CA ASN A 151 -9.18 2.92 -9.73
C ASN A 151 -9.06 4.29 -10.38
N ILE A 152 -7.93 4.55 -11.03
CA ILE A 152 -7.75 5.76 -11.82
C ILE A 152 -7.40 5.37 -13.26
N ASP A 153 -8.13 5.95 -14.22
CA ASP A 153 -7.85 5.82 -15.65
C ASP A 153 -7.58 7.23 -16.16
N TYR A 154 -6.30 7.50 -16.44
CA TYR A 154 -5.79 8.82 -16.86
C TYR A 154 -6.10 9.91 -15.83
N ASP A 155 -7.27 10.54 -15.99
CA ASP A 155 -7.75 11.66 -15.18
C ASP A 155 -8.97 11.27 -14.34
N CYS A 156 -9.64 10.21 -14.78
CA CYS A 156 -10.92 9.77 -14.24
C CYS A 156 -10.84 8.79 -13.07
N VAL A 157 -11.47 9.16 -11.97
CA VAL A 157 -11.60 8.27 -10.82
C VAL A 157 -12.83 7.35 -11.00
N SER A 158 -12.58 6.05 -11.11
CA SER A 158 -13.66 5.08 -11.19
C SER A 158 -13.93 4.48 -9.80
N PHE A 159 -15.02 4.90 -9.18
CA PHE A 159 -15.46 4.33 -7.90
C PHE A 159 -16.15 2.99 -8.13
N CYS A 160 -15.73 1.96 -7.40
CA CYS A 160 -16.27 0.61 -7.61
C CYS A 160 -16.78 -0.07 -6.35
N TYR A 161 -16.37 0.43 -5.18
CA TYR A 161 -16.73 -0.22 -3.93
C TYR A 161 -17.04 0.80 -2.84
N MET A 162 -18.03 0.50 -2.01
CA MET A 162 -18.25 1.23 -0.76
C MET A 162 -18.43 0.18 0.33
N HIS A 163 -17.76 0.39 1.46
CA HIS A 163 -17.72 -0.63 2.50
C HIS A 163 -18.96 -0.62 3.39
N HIS A 164 -19.52 -1.80 3.61
CA HIS A 164 -20.71 -1.98 4.47
C HIS A 164 -20.52 -2.81 5.74
N MET A 165 -19.80 -3.92 5.63
CA MET A 165 -19.81 -4.92 6.71
C MET A 165 -18.72 -5.99 6.60
N GLU A 166 -18.54 -6.70 7.71
CA GLU A 166 -17.60 -7.80 7.85
C GLU A 166 -18.37 -9.07 8.14
N LEU A 167 -18.04 -10.13 7.41
CA LEU A 167 -18.65 -11.44 7.59
C LEU A 167 -17.99 -12.22 8.73
N PRO A 168 -18.66 -13.26 9.26
CA PRO A 168 -18.08 -14.06 10.36
C PRO A 168 -16.66 -14.59 10.13
N THR A 169 -16.28 -14.88 8.89
CA THR A 169 -14.91 -15.35 8.60
C THR A 169 -13.85 -14.23 8.60
N GLY A 170 -14.28 -12.98 8.77
CA GLY A 170 -13.35 -11.84 8.84
C GLY A 170 -13.15 -11.12 7.51
N VAL A 171 -13.82 -11.61 6.47
CA VAL A 171 -13.73 -10.96 5.16
C VAL A 171 -14.85 -9.92 5.04
N HIS A 172 -14.83 -9.13 3.98
CA HIS A 172 -15.67 -7.94 3.90
C HIS A 172 -16.63 -7.92 2.71
N ALA A 173 -17.77 -7.27 2.93
CA ALA A 173 -18.80 -7.17 1.92
C ALA A 173 -19.27 -5.73 1.76
N GLY A 174 -19.50 -5.34 0.52
CA GLY A 174 -19.96 -4.00 0.22
C GLY A 174 -20.63 -3.91 -1.13
N THR A 175 -20.89 -2.68 -1.54
CA THR A 175 -21.65 -2.45 -2.75
C THR A 175 -20.84 -1.68 -3.76
N ASP A 176 -21.35 -1.60 -4.99
CA ASP A 176 -20.87 -0.60 -5.95
C ASP A 176 -21.49 0.74 -5.56
N LEU A 177 -21.31 1.77 -6.37
CA LEU A 177 -21.83 3.09 -6.00
C LEU A 177 -23.27 3.35 -6.42
N GLU A 178 -23.93 2.27 -6.87
CA GLU A 178 -25.36 2.24 -7.12
C GLU A 178 -26.07 1.50 -5.99
N GLY A 179 -25.28 1.00 -5.05
CA GLY A 179 -25.81 0.38 -3.84
C GLY A 179 -26.13 -1.09 -3.96
N LYS A 180 -25.73 -1.71 -5.06
CA LYS A 180 -25.96 -3.13 -5.23
C LYS A 180 -24.75 -3.85 -4.68
N PHE A 181 -24.99 -4.73 -3.70
CA PHE A 181 -23.94 -5.58 -3.14
C PHE A 181 -23.21 -6.39 -4.21
N TYR A 182 -21.93 -6.61 -3.95
CA TYR A 182 -21.21 -7.64 -4.65
C TYR A 182 -21.60 -8.92 -3.91
N GLY A 183 -22.04 -9.92 -4.67
CA GLY A 183 -22.33 -11.25 -4.14
C GLY A 183 -23.70 -11.42 -3.55
N PRO A 184 -23.92 -12.53 -2.80
CA PRO A 184 -25.23 -12.93 -2.28
C PRO A 184 -25.67 -12.18 -1.01
N PHE A 185 -24.90 -11.16 -0.62
CA PHE A 185 -25.03 -10.53 0.70
C PHE A 185 -26.14 -9.50 0.84
N VAL A 186 -26.67 -9.42 2.05
CA VAL A 186 -27.72 -8.47 2.41
C VAL A 186 -27.27 -7.67 3.62
N ASP A 187 -27.74 -6.42 3.73
CA ASP A 187 -27.37 -5.59 4.88
C ASP A 187 -28.29 -5.85 6.07
N ILE A 188 -28.04 -6.99 6.71
CA ILE A 188 -28.75 -7.45 7.92
C ILE A 188 -27.70 -8.05 8.84
N GLN A 189 -27.81 -7.78 10.15
CA GLN A 189 -26.87 -8.34 11.13
C GLN A 189 -27.25 -9.78 11.47
N THR A 190 -26.97 -10.66 10.51
CA THR A 190 -27.25 -12.09 10.59
C THR A 190 -26.10 -12.84 9.92
N ALA A 191 -25.71 -13.97 10.48
CA ALA A 191 -24.62 -14.79 9.96
C ALA A 191 -24.82 -15.06 8.46
N GLN A 192 -23.82 -14.72 7.66
CA GLN A 192 -23.87 -14.95 6.22
C GLN A 192 -22.56 -15.58 5.75
N ALA A 193 -22.68 -16.61 4.90
CA ALA A 193 -21.53 -17.28 4.33
C ALA A 193 -21.31 -16.86 2.88
N ALA A 194 -20.05 -16.81 2.48
CA ALA A 194 -19.71 -16.63 1.08
C ALA A 194 -19.54 -18.02 0.47
N GLY A 195 -19.54 -18.11 -0.85
CA GLY A 195 -19.19 -19.36 -1.53
C GLY A 195 -17.70 -19.65 -1.30
N THR A 196 -17.30 -20.88 -1.61
CA THR A 196 -15.89 -21.28 -1.52
C THR A 196 -15.07 -20.41 -2.47
N ASP A 197 -13.99 -19.81 -1.96
CA ASP A 197 -13.14 -18.97 -2.79
C ASP A 197 -12.17 -19.78 -3.64
N THR A 198 -11.80 -19.22 -4.79
CA THR A 198 -10.84 -19.85 -5.68
C THR A 198 -9.70 -18.86 -5.89
N THR A 199 -8.59 -19.34 -6.47
CA THR A 199 -7.42 -18.50 -6.71
C THR A 199 -7.49 -17.88 -8.11
N ILE A 200 -7.19 -16.59 -8.21
CA ILE A 200 -7.22 -15.87 -9.48
C ILE A 200 -5.97 -16.20 -10.29
N THR A 201 -6.09 -17.28 -11.06
CA THR A 201 -5.04 -17.84 -11.91
C THR A 201 -4.34 -16.80 -12.80
N LEU A 202 -5.13 -16.00 -13.50
CA LEU A 202 -4.62 -14.96 -14.40
C LEU A 202 -3.66 -14.00 -13.68
N ASN A 203 -4.01 -13.64 -12.45
CA ASN A 203 -3.17 -12.76 -11.62
C ASN A 203 -1.89 -13.44 -11.16
N VAL A 204 -1.99 -14.70 -10.74
CA VAL A 204 -0.83 -15.49 -10.32
C VAL A 204 0.22 -15.50 -11.44
N LEU A 205 -0.22 -15.80 -12.66
CA LEU A 205 0.67 -15.83 -13.81
C LEU A 205 1.27 -14.45 -14.10
N ALA A 206 0.46 -13.41 -13.91
CA ALA A 206 0.91 -12.03 -14.14
C ALA A 206 2.03 -11.67 -13.17
N TRP A 207 1.87 -12.15 -11.93
CA TRP A 207 2.83 -11.94 -10.87
C TRP A 207 4.11 -12.75 -11.12
N LEU A 208 3.96 -13.92 -11.75
CA LEU A 208 5.12 -14.70 -12.22
C LEU A 208 5.92 -13.94 -13.27
N TYR A 209 5.23 -13.30 -14.21
CA TYR A 209 5.90 -12.42 -15.18
C TYR A 209 6.65 -11.27 -14.51
N ALA A 210 6.01 -10.64 -13.49
CA ALA A 210 6.60 -9.54 -12.74
C ALA A 210 7.90 -9.98 -12.05
N ALA A 211 7.91 -11.22 -11.54
CA ALA A 211 9.10 -11.78 -10.89
C ALA A 211 10.26 -11.90 -11.87
N VAL A 212 9.98 -12.44 -13.05
CA VAL A 212 10.97 -12.57 -14.13
C VAL A 212 11.51 -11.19 -14.54
N ILE A 213 10.63 -10.23 -14.78
CA ILE A 213 11.03 -8.85 -15.11
C ILE A 213 11.94 -8.31 -14.01
N ASN A 214 11.77 -8.82 -12.79
CA ASN A 214 12.56 -8.36 -11.65
C ASN A 214 13.70 -9.28 -11.21
N GLY A 215 14.07 -10.22 -12.08
CA GLY A 215 15.26 -11.05 -11.86
C GLY A 215 15.10 -12.40 -11.17
N ASP A 216 13.92 -12.68 -10.60
CA ASP A 216 13.62 -14.00 -10.01
C ASP A 216 13.25 -14.97 -11.12
N ARG A 217 14.08 -16.00 -11.32
CA ARG A 217 13.96 -16.89 -12.46
C ARG A 217 14.01 -18.38 -12.11
N TRP A 218 14.28 -18.69 -10.84
CA TRP A 218 14.50 -20.09 -10.41
C TRP A 218 13.38 -21.09 -10.75
N PHE A 219 12.15 -20.61 -10.75
CA PHE A 219 10.95 -21.45 -10.93
C PHE A 219 10.65 -21.80 -12.40
N LEU A 220 11.30 -21.09 -13.33
CA LEU A 220 11.17 -21.37 -14.75
C LEU A 220 11.78 -22.71 -15.11
N ASN A 221 11.15 -23.37 -16.08
CA ASN A 221 11.58 -24.66 -16.60
C ASN A 221 11.33 -24.73 -18.10
N ARG A 222 11.82 -25.79 -18.74
CA ARG A 222 11.58 -25.98 -20.16
C ARG A 222 10.36 -26.84 -20.48
N PHE A 223 9.75 -27.44 -19.45
CA PHE A 223 8.47 -28.15 -19.59
C PHE A 223 7.45 -27.25 -20.27
N THR A 224 6.50 -27.85 -20.99
CA THR A 224 5.37 -27.10 -21.52
C THR A 224 4.10 -27.93 -21.50
N THR A 225 2.97 -27.24 -21.42
CA THR A 225 1.65 -27.86 -21.29
C THR A 225 0.66 -27.29 -22.32
N THR A 226 -0.49 -27.93 -22.46
CA THR A 226 -1.60 -27.36 -23.21
C THR A 226 -2.51 -26.67 -22.22
N LEU A 227 -3.32 -25.73 -22.71
CA LEU A 227 -4.26 -25.01 -21.85
C LEU A 227 -5.13 -25.97 -21.06
N ASN A 228 -5.60 -26.99 -21.77
CA ASN A 228 -6.47 -28.04 -21.24
C ASN A 228 -5.82 -28.85 -20.12
N ASP A 229 -4.58 -29.28 -20.34
CA ASP A 229 -3.82 -30.03 -19.34
C ASP A 229 -3.43 -29.19 -18.14
N PHE A 230 -3.22 -27.89 -18.37
CA PHE A 230 -2.98 -26.95 -17.28
C PHE A 230 -4.21 -26.82 -16.38
N ASN A 231 -5.37 -26.61 -17.01
CA ASN A 231 -6.64 -26.45 -16.32
C ASN A 231 -7.03 -27.69 -15.52
N LEU A 232 -6.66 -28.84 -16.08
CA LEU A 232 -6.84 -30.14 -15.44
C LEU A 232 -6.19 -30.16 -14.06
N VAL A 233 -5.02 -29.54 -13.95
CA VAL A 233 -4.24 -29.45 -12.72
C VAL A 233 -4.66 -28.24 -11.88
N ALA A 234 -4.98 -27.13 -12.56
CA ALA A 234 -5.40 -25.88 -11.91
C ALA A 234 -6.56 -26.10 -10.96
N MET A 235 -7.67 -26.62 -11.50
CA MET A 235 -8.91 -26.85 -10.73
C MET A 235 -8.71 -27.78 -9.53
N LYS A 236 -7.78 -28.72 -9.66
CA LYS A 236 -7.43 -29.67 -8.60
C LYS A 236 -6.83 -28.97 -7.39
N TYR A 237 -6.15 -27.84 -7.64
CA TYR A 237 -5.57 -27.00 -6.57
C TYR A 237 -6.42 -25.76 -6.24
N ASN A 238 -7.68 -25.77 -6.70
CA ASN A 238 -8.67 -24.71 -6.46
C ASN A 238 -8.40 -23.40 -7.22
N TYR A 239 -7.77 -23.52 -8.39
CA TYR A 239 -7.50 -22.38 -9.24
C TYR A 239 -8.61 -22.21 -10.25
N GLU A 240 -8.82 -20.97 -10.69
CA GLU A 240 -9.79 -20.69 -11.74
C GLU A 240 -9.28 -21.28 -13.03
N PRO A 241 -10.19 -21.81 -13.86
CA PRO A 241 -9.73 -22.22 -15.18
C PRO A 241 -9.22 -21.01 -15.97
N LEU A 242 -8.20 -21.23 -16.79
CA LEU A 242 -7.65 -20.19 -17.63
C LEU A 242 -8.22 -20.35 -19.03
N THR A 243 -8.70 -19.23 -19.57
CA THR A 243 -9.30 -19.21 -20.90
C THR A 243 -8.35 -18.60 -21.92
N GLN A 244 -8.66 -18.80 -23.21
CA GLN A 244 -7.90 -18.19 -24.30
C GLN A 244 -7.91 -16.67 -24.16
N ASP A 245 -9.04 -16.12 -23.71
CA ASP A 245 -9.17 -14.68 -23.44
C ASP A 245 -8.09 -14.27 -22.45
N HIS A 246 -7.98 -15.02 -21.35
CA HIS A 246 -6.94 -14.80 -20.34
C HIS A 246 -5.52 -14.93 -20.91
N VAL A 247 -5.33 -15.92 -21.78
CA VAL A 247 -4.04 -16.12 -22.48
C VAL A 247 -3.69 -14.88 -23.32
N ASP A 248 -4.67 -14.38 -24.08
CA ASP A 248 -4.53 -13.17 -24.89
C ASP A 248 -4.18 -11.91 -24.06
N ILE A 249 -4.67 -11.84 -22.83
CA ILE A 249 -4.37 -10.70 -21.95
C ILE A 249 -2.89 -10.71 -21.50
N LEU A 250 -2.35 -11.90 -21.25
CA LEU A 250 -0.93 -12.06 -20.89
C LEU A 250 0.05 -11.86 -22.05
N GLY A 251 -0.49 -11.67 -23.26
CA GLY A 251 0.30 -11.41 -24.49
C GLY A 251 1.48 -10.44 -24.37
N PRO A 252 1.21 -9.15 -24.05
CA PRO A 252 2.27 -8.13 -23.90
C PRO A 252 3.41 -8.54 -22.95
N LEU A 253 3.05 -9.06 -21.78
CA LEU A 253 4.03 -9.57 -20.80
C LEU A 253 4.84 -10.75 -21.34
N SER A 254 4.16 -11.64 -22.08
CA SER A 254 4.79 -12.80 -22.71
C SER A 254 5.86 -12.34 -23.70
N ALA A 255 5.55 -11.28 -24.43
CA ALA A 255 6.43 -10.70 -25.45
C ALA A 255 7.62 -9.96 -24.83
N GLN A 256 7.38 -9.23 -23.74
CA GLN A 256 8.43 -8.48 -23.05
C GLN A 256 9.46 -9.41 -22.39
N THR A 257 8.99 -10.55 -21.91
CA THR A 257 9.83 -11.51 -21.18
C THR A 257 10.42 -12.62 -22.07
N GLY A 258 9.76 -12.86 -23.21
CA GLY A 258 10.16 -13.96 -24.10
C GLY A 258 9.74 -15.32 -23.56
N ILE A 259 8.70 -15.32 -22.72
CA ILE A 259 8.19 -16.57 -22.14
C ILE A 259 6.75 -16.80 -22.57
N ALA A 260 6.53 -17.89 -23.31
CA ALA A 260 5.19 -18.28 -23.76
C ALA A 260 4.27 -18.45 -22.58
N VAL A 261 3.03 -18.02 -22.73
CA VAL A 261 2.02 -18.13 -21.68
C VAL A 261 1.93 -19.58 -21.19
N LEU A 262 1.85 -20.52 -22.13
CA LEU A 262 1.80 -21.95 -21.83
C LEU A 262 3.07 -22.48 -21.13
N ASP A 263 4.21 -21.83 -21.38
CA ASP A 263 5.44 -22.16 -20.67
C ASP A 263 5.37 -21.71 -19.22
N MET A 264 4.86 -20.49 -18.99
CA MET A 264 4.65 -19.98 -17.64
C MET A 264 3.61 -20.82 -16.87
N CYS A 265 2.59 -21.29 -17.59
CA CYS A 265 1.61 -22.21 -17.04
C CYS A 265 2.26 -23.52 -16.58
N ALA A 266 3.19 -24.04 -17.39
CA ALA A 266 3.97 -25.24 -17.02
C ALA A 266 4.84 -24.97 -15.79
N ALA A 267 5.37 -23.75 -15.69
CA ALA A 267 6.09 -23.32 -14.49
C ALA A 267 5.15 -23.30 -13.28
N LEU A 268 3.91 -22.83 -13.47
CA LEU A 268 2.93 -22.77 -12.38
C LEU A 268 2.49 -24.17 -11.95
N LYS A 269 2.29 -25.05 -12.94
CA LYS A 269 1.91 -26.45 -12.69
C LYS A 269 2.92 -27.13 -11.75
N GLU A 270 4.21 -26.97 -12.06
CA GLU A 270 5.29 -27.55 -11.26
C GLU A 270 5.33 -26.96 -9.84
N LEU A 271 5.13 -25.64 -9.72
CA LEU A 271 5.07 -24.95 -8.42
C LEU A 271 3.90 -25.47 -7.59
N LEU A 272 2.76 -25.65 -8.23
CA LEU A 272 1.59 -26.23 -7.59
C LEU A 272 1.82 -27.67 -7.16
N GLN A 273 2.37 -28.48 -8.07
CA GLN A 273 2.62 -29.91 -7.82
C GLN A 273 3.73 -30.15 -6.78
N ASN A 274 4.81 -29.38 -6.87
CA ASN A 274 6.00 -29.64 -6.03
C ASN A 274 6.30 -28.62 -4.93
N GLY A 275 5.48 -27.57 -4.81
CA GLY A 275 5.73 -26.50 -3.84
C GLY A 275 6.97 -25.68 -4.20
N MET A 276 7.55 -25.03 -3.20
CA MET A 276 8.66 -24.10 -3.44
C MET A 276 9.98 -24.47 -2.78
N ASN A 277 9.93 -25.35 -1.77
CA ASN A 277 11.11 -25.81 -1.01
C ASN A 277 11.91 -24.67 -0.37
N GLY A 278 11.23 -23.90 0.48
CA GLY A 278 11.87 -22.79 1.20
C GLY A 278 12.16 -21.52 0.42
N ARG A 279 12.40 -21.66 -0.89
CA ARG A 279 12.71 -20.54 -1.78
C ARG A 279 11.52 -19.59 -1.92
N THR A 280 11.79 -18.36 -2.38
CA THR A 280 10.75 -17.34 -2.52
C THR A 280 10.67 -16.75 -3.93
N ILE A 281 9.47 -16.27 -4.26
CA ILE A 281 9.23 -15.48 -5.47
C ILE A 281 8.83 -14.07 -4.99
N LEU A 282 9.67 -13.09 -5.34
CA LEU A 282 9.52 -11.70 -4.91
C LEU A 282 9.28 -11.57 -3.39
N GLY A 283 10.14 -12.27 -2.63
CA GLY A 283 10.08 -12.28 -1.18
C GLY A 283 8.89 -13.00 -0.55
N SER A 284 8.13 -13.73 -1.35
CA SER A 284 6.94 -14.43 -0.86
C SER A 284 6.99 -15.93 -1.16
N THR A 285 6.43 -16.71 -0.23
CA THR A 285 6.27 -18.15 -0.37
C THR A 285 4.82 -18.50 -0.78
N ILE A 286 3.96 -17.48 -0.71
CA ILE A 286 2.56 -17.59 -1.10
C ILE A 286 2.48 -17.16 -2.57
N LEU A 287 1.78 -17.94 -3.40
CA LEU A 287 1.59 -17.51 -4.79
C LEU A 287 0.57 -16.38 -4.81
N GLU A 288 1.03 -15.19 -5.18
CA GLU A 288 0.24 -13.97 -5.07
C GLU A 288 -0.77 -13.85 -6.22
N ASP A 289 -2.03 -13.58 -5.88
CA ASP A 289 -3.08 -13.47 -6.91
C ASP A 289 -3.81 -12.12 -6.90
N GLU A 290 -3.22 -11.10 -6.28
CA GLU A 290 -3.88 -9.81 -6.21
C GLU A 290 -3.21 -8.68 -7.01
N PHE A 291 -2.47 -9.07 -8.05
CA PHE A 291 -1.95 -8.13 -9.07
C PHE A 291 -2.47 -8.59 -10.41
N THR A 292 -3.15 -7.69 -11.13
CA THR A 292 -3.66 -8.00 -12.45
C THR A 292 -2.53 -7.87 -13.47
N PRO A 293 -2.70 -8.41 -14.69
CA PRO A 293 -1.72 -8.13 -15.73
C PRO A 293 -1.47 -6.62 -15.91
N PHE A 294 -2.55 -5.83 -15.87
CA PHE A 294 -2.45 -4.37 -15.92
C PHE A 294 -1.62 -3.76 -14.78
N ASP A 295 -1.85 -4.22 -13.55
CA ASP A 295 -1.07 -3.72 -12.39
C ASP A 295 0.42 -3.99 -12.59
N VAL A 296 0.74 -5.15 -13.16
CA VAL A 296 2.13 -5.50 -13.44
C VAL A 296 2.72 -4.51 -14.46
N VAL A 297 2.06 -4.39 -15.61
CA VAL A 297 2.51 -3.49 -16.70
C VAL A 297 2.69 -2.06 -16.21
N ARG A 298 1.67 -1.54 -15.54
CA ARG A 298 1.67 -0.18 -15.01
C ARG A 298 2.86 0.07 -14.05
N GLN A 299 3.14 -0.90 -13.18
CA GLN A 299 4.25 -0.78 -12.23
C GLN A 299 5.61 -1.07 -12.88
N CYS A 300 5.68 -2.08 -13.75
CA CYS A 300 6.91 -2.39 -14.47
C CYS A 300 6.96 -1.63 -15.80
N SER B 1 -11.55 -6.32 11.15
CA SER B 1 -10.46 -7.34 11.11
C SER B 1 -9.75 -7.30 9.77
N GLY B 2 -8.71 -8.11 9.67
CA GLY B 2 -7.94 -8.24 8.45
C GLY B 2 -6.66 -7.46 8.65
N PHE B 3 -5.56 -8.07 8.24
CA PHE B 3 -4.24 -7.44 8.31
C PHE B 3 -3.72 -7.10 6.92
N ARG B 4 -3.40 -5.83 6.71
CA ARG B 4 -2.78 -5.37 5.46
C ARG B 4 -1.79 -4.24 5.67
N LYS B 5 -0.73 -4.27 4.88
CA LYS B 5 0.25 -3.21 4.87
C LYS B 5 -0.38 -2.01 4.17
N MET B 6 -0.54 -0.93 4.92
CA MET B 6 -1.17 0.26 4.37
C MET B 6 -0.14 1.38 4.14
N ALA B 7 -0.47 2.24 3.20
CA ALA B 7 0.25 3.49 3.04
C ALA B 7 -0.65 4.56 3.63
N PHE B 8 -0.05 5.62 4.17
CA PHE B 8 -0.80 6.81 4.52
C PHE B 8 -1.41 7.42 3.26
N PRO B 9 -2.56 8.12 3.41
CA PRO B 9 -3.14 8.80 2.25
C PRO B 9 -2.13 9.81 1.67
N SER B 10 -1.87 9.74 0.38
CA SER B 10 -0.78 10.50 -0.24
C SER B 10 -1.12 11.94 -0.65
N GLY B 11 -2.37 12.35 -0.43
CA GLY B 11 -2.90 13.63 -0.92
C GLY B 11 -2.09 14.86 -0.58
N LYS B 12 -1.70 14.97 0.69
CA LYS B 12 -0.93 16.11 1.16
C LYS B 12 0.44 16.18 0.52
N VAL B 13 0.97 15.01 0.16
CA VAL B 13 2.27 14.93 -0.50
C VAL B 13 2.16 15.20 -2.01
N GLU B 14 1.07 14.72 -2.61
CA GLU B 14 0.77 14.94 -4.03
C GLU B 14 0.82 16.42 -4.47
N GLY B 15 0.27 17.29 -3.63
CA GLY B 15 0.29 18.73 -3.87
C GLY B 15 1.65 19.40 -3.74
N CYS B 16 2.69 18.63 -3.40
CA CYS B 16 4.06 19.14 -3.24
C CYS B 16 5.00 18.62 -4.32
N MET B 17 4.51 17.73 -5.18
CA MET B 17 5.36 17.11 -6.20
C MET B 17 5.46 17.98 -7.46
N VAL B 18 6.70 18.23 -7.89
CA VAL B 18 6.99 19.02 -9.10
C VAL B 18 8.01 18.33 -10.04
N GLN B 19 8.07 18.80 -11.28
CA GLN B 19 9.04 18.31 -12.24
C GLN B 19 10.30 19.18 -12.11
N VAL B 20 11.47 18.56 -12.20
CA VAL B 20 12.75 19.29 -12.19
C VAL B 20 13.61 18.76 -13.34
N THR B 21 14.04 19.68 -14.19
CA THR B 21 14.88 19.35 -15.34
C THR B 21 16.18 20.15 -15.33
N CYS B 22 17.28 19.44 -15.58
CA CYS B 22 18.58 20.05 -15.73
C CYS B 22 19.26 19.30 -16.87
N GLY B 23 19.55 20.02 -17.95
CA GLY B 23 20.12 19.42 -19.15
C GLY B 23 19.16 18.37 -19.69
N THR B 24 19.68 17.15 -19.87
CA THR B 24 18.89 16.04 -20.39
C THR B 24 18.17 15.21 -19.31
N THR B 25 18.48 15.48 -18.04
CA THR B 25 17.88 14.72 -16.93
C THR B 25 16.61 15.35 -16.37
N THR B 26 15.55 14.55 -16.34
CA THR B 26 14.31 14.95 -15.70
C THR B 26 14.01 14.02 -14.51
N LEU B 27 13.63 14.63 -13.39
CA LEU B 27 13.29 13.89 -12.19
C LEU B 27 12.34 14.73 -11.36
N ASN B 28 12.03 14.26 -10.15
CA ASN B 28 11.04 14.90 -9.29
C ASN B 28 11.63 15.80 -8.23
N GLY B 29 10.83 16.74 -7.75
CA GLY B 29 11.23 17.65 -6.69
C GLY B 29 10.16 17.78 -5.64
N LEU B 30 10.54 18.17 -4.44
CA LEU B 30 9.59 18.39 -3.35
C LEU B 30 9.49 19.88 -3.06
N TRP B 31 8.30 20.42 -3.25
CA TRP B 31 8.04 21.86 -3.15
C TRP B 31 7.36 22.22 -1.83
N LEU B 32 8.12 22.84 -0.94
CA LEU B 32 7.62 23.26 0.36
C LEU B 32 7.97 24.72 0.59
N ASP B 33 6.96 25.50 1.00
CA ASP B 33 7.06 26.97 1.06
C ASP B 33 7.63 27.48 -0.26
N ASP B 34 8.74 28.22 -0.25
CA ASP B 34 9.36 28.69 -1.51
C ASP B 34 10.62 27.91 -1.91
N THR B 35 10.76 26.70 -1.37
CA THR B 35 11.92 25.84 -1.64
C THR B 35 11.51 24.56 -2.36
N VAL B 36 12.33 24.13 -3.31
CA VAL B 36 12.21 22.85 -3.97
C VAL B 36 13.45 22.01 -3.69
N TYR B 37 13.24 20.82 -3.12
CA TYR B 37 14.31 19.87 -2.85
C TYR B 37 14.34 18.80 -3.92
N CYS B 38 15.55 18.41 -4.33
CA CYS B 38 15.75 17.33 -5.30
C CYS B 38 17.18 16.75 -5.15
N PRO B 39 17.42 15.51 -5.63
CA PRO B 39 18.78 15.00 -5.51
C PRO B 39 19.76 15.86 -6.30
N ARG B 40 20.92 16.13 -5.69
CA ARG B 40 21.92 16.98 -6.30
C ARG B 40 22.53 16.39 -7.57
N HIS B 41 22.40 15.08 -7.78
CA HIS B 41 22.99 14.46 -8.97
C HIS B 41 22.24 14.82 -10.28
N VAL B 42 21.15 15.59 -10.14
CA VAL B 42 20.38 16.10 -11.28
C VAL B 42 21.29 16.92 -12.21
N ILE B 43 22.36 17.47 -11.64
CA ILE B 43 23.29 18.35 -12.34
C ILE B 43 24.37 17.60 -13.12
N CYS B 44 24.56 16.33 -12.80
CA CYS B 44 25.59 15.50 -13.42
C CYS B 44 25.25 15.06 -14.83
N THR B 45 26.26 15.14 -15.71
CA THR B 45 26.20 14.46 -16.99
C THR B 45 26.55 13.01 -16.71
N ALA B 46 26.31 12.13 -17.69
CA ALA B 46 26.68 10.72 -17.56
C ALA B 46 28.14 10.55 -17.14
N GLU B 47 29.01 11.41 -17.68
CA GLU B 47 30.43 11.39 -17.36
C GLU B 47 30.71 11.84 -15.92
N ASP B 48 30.00 12.87 -15.48
CA ASP B 48 30.15 13.41 -14.13
C ASP B 48 29.77 12.36 -13.08
N MET B 49 28.72 11.60 -13.36
CA MET B 49 28.23 10.53 -12.48
C MET B 49 29.33 9.60 -11.97
N LEU B 50 30.33 9.34 -12.81
CA LEU B 50 31.43 8.41 -12.53
C LEU B 50 32.45 8.90 -11.51
N ASN B 51 32.69 10.21 -11.47
CA ASN B 51 33.59 10.84 -10.50
C ASN B 51 33.22 12.30 -10.28
N PRO B 52 32.07 12.55 -9.61
CA PRO B 52 31.64 13.94 -9.53
C PRO B 52 32.37 14.75 -8.44
N ASN B 53 32.64 16.00 -8.76
CA ASN B 53 33.01 16.98 -7.75
C ASN B 53 31.83 17.92 -7.69
N TYR B 54 30.99 17.75 -6.69
CA TYR B 54 29.70 18.45 -6.64
C TYR B 54 29.79 19.96 -6.48
N GLU B 55 30.73 20.43 -5.68
CA GLU B 55 30.95 21.86 -5.49
C GLU B 55 31.40 22.49 -6.80
N ASP B 56 32.29 21.81 -7.53
CA ASP B 56 32.76 22.26 -8.84
C ASP B 56 31.61 22.31 -9.85
N LEU B 57 30.80 21.24 -9.85
CA LEU B 57 29.68 21.12 -10.78
C LEU B 57 28.58 22.15 -10.52
N LEU B 58 28.27 22.38 -9.24
CA LEU B 58 27.22 23.34 -8.89
C LEU B 58 27.58 24.78 -9.27
N ILE B 59 28.81 25.22 -8.99
CA ILE B 59 29.25 26.58 -9.30
C ILE B 59 29.19 26.85 -10.83
N ARG B 60 29.30 25.76 -11.61
CA ARG B 60 29.14 25.79 -13.07
C ARG B 60 27.67 25.65 -13.51
N LYS B 61 26.75 26.02 -12.62
CA LYS B 61 25.31 26.05 -12.92
C LYS B 61 24.71 27.35 -12.40
N SER B 62 23.63 27.78 -13.03
CA SER B 62 22.88 28.96 -12.62
C SER B 62 21.43 28.59 -12.29
N ASN B 63 20.69 29.56 -11.76
CA ASN B 63 19.25 29.45 -11.58
C ASN B 63 18.55 28.97 -12.86
N HIS B 64 18.86 29.63 -13.99
CA HIS B 64 18.30 29.33 -15.32
C HIS B 64 18.64 27.92 -15.82
N SER B 65 19.56 27.25 -15.14
CA SER B 65 19.97 25.90 -15.50
C SER B 65 18.95 24.84 -15.08
N PHE B 66 18.00 25.24 -14.25
CA PHE B 66 16.95 24.36 -13.72
C PHE B 66 15.53 24.75 -14.18
N LEU B 67 14.90 23.85 -14.95
CA LEU B 67 13.49 24.01 -15.33
C LEU B 67 12.59 23.33 -14.30
N VAL B 68 11.74 24.13 -13.66
CA VAL B 68 10.79 23.64 -12.66
C VAL B 68 9.33 23.88 -13.09
N GLN B 69 8.55 22.80 -13.20
CA GLN B 69 7.11 22.90 -13.50
C GLN B 69 6.19 22.27 -12.45
N ALA B 70 5.23 23.09 -12.00
CA ALA B 70 4.13 22.66 -11.17
C ALA B 70 2.88 22.62 -12.05
N GLY B 71 2.52 21.42 -12.48
CA GLY B 71 1.45 21.22 -13.46
C GLY B 71 1.96 21.69 -14.81
N ASN B 72 1.25 22.63 -15.42
CA ASN B 72 1.67 23.24 -16.69
C ASN B 72 2.40 24.58 -16.52
N VAL B 73 2.36 25.12 -15.31
CA VAL B 73 3.02 26.38 -14.97
C VAL B 73 4.52 26.16 -14.76
N GLN B 74 5.34 27.07 -15.28
CA GLN B 74 6.78 27.04 -15.06
C GLN B 74 7.15 27.99 -13.92
N LEU B 75 7.77 27.43 -12.88
CA LEU B 75 8.25 28.19 -11.72
C LEU B 75 9.63 28.77 -11.97
N ARG B 76 9.87 29.96 -11.43
CA ARG B 76 11.17 30.62 -11.57
C ARG B 76 12.07 30.37 -10.37
N VAL B 77 13.24 29.78 -10.63
CA VAL B 77 14.26 29.55 -9.60
C VAL B 77 15.01 30.86 -9.38
N ILE B 78 15.01 31.34 -8.14
CA ILE B 78 15.62 32.63 -7.80
C ILE B 78 16.80 32.52 -6.82
N GLY B 79 17.27 31.30 -6.63
CA GLY B 79 18.36 31.02 -5.70
C GLY B 79 18.54 29.52 -5.55
N HIS B 80 19.80 29.10 -5.46
CA HIS B 80 20.12 27.70 -5.31
C HIS B 80 21.25 27.49 -4.31
N SER B 81 21.16 26.39 -3.57
CA SER B 81 22.23 25.97 -2.68
C SER B 81 22.25 24.45 -2.56
N MET B 82 23.36 23.94 -2.06
CA MET B 82 23.47 22.52 -1.82
C MET B 82 23.42 22.31 -0.32
N GLN B 83 22.60 21.35 0.10
CA GLN B 83 22.62 20.92 1.50
C GLN B 83 22.86 19.42 1.50
N ASN B 84 24.10 19.06 1.82
CA ASN B 84 24.57 17.69 1.75
C ASN B 84 24.32 17.11 0.35
N CYS B 85 23.56 16.02 0.22
CA CYS B 85 23.30 15.45 -1.11
C CYS B 85 22.00 15.94 -1.79
N LEU B 86 21.37 16.92 -1.16
CA LEU B 86 20.20 17.57 -1.76
C LEU B 86 20.54 18.93 -2.34
N LEU B 87 19.69 19.34 -3.27
CA LEU B 87 19.76 20.64 -3.89
C LEU B 87 18.52 21.38 -3.44
N ARG B 88 18.72 22.60 -2.93
CA ARG B 88 17.62 23.48 -2.53
C ARG B 88 17.44 24.55 -3.59
N LEU B 89 16.24 24.62 -4.16
CA LEU B 89 15.95 25.62 -5.18
C LEU B 89 14.90 26.60 -4.66
N LYS B 90 15.34 27.81 -4.34
CA LYS B 90 14.42 28.89 -3.93
C LYS B 90 13.65 29.32 -5.17
N VAL B 91 12.33 29.37 -5.06
CA VAL B 91 11.47 29.79 -6.19
C VAL B 91 10.66 31.05 -5.89
N ASP B 92 10.05 31.63 -6.92
CA ASP B 92 9.31 32.91 -6.78
C ASP B 92 7.95 32.81 -6.07
N THR B 93 7.46 31.59 -5.87
CA THR B 93 6.14 31.38 -5.26
C THR B 93 6.13 30.31 -4.15
N SER B 94 5.46 30.62 -3.05
CA SER B 94 5.19 29.64 -2.00
C SER B 94 4.09 28.70 -2.46
N ASN B 95 4.30 27.40 -2.26
CA ASN B 95 3.29 26.38 -2.58
C ASN B 95 2.08 26.59 -1.70
N PRO B 96 0.94 26.99 -2.30
CA PRO B 96 -0.27 27.20 -1.48
C PRO B 96 -0.83 25.89 -0.89
N LYS B 97 -0.40 24.76 -1.46
CA LYS B 97 -0.80 23.43 -0.97
C LYS B 97 0.19 22.85 0.07
N THR B 98 1.16 23.66 0.52
CA THR B 98 2.14 23.23 1.54
C THR B 98 1.45 22.76 2.83
N PRO B 99 1.62 21.47 3.18
CA PRO B 99 0.97 20.96 4.38
C PRO B 99 1.80 21.30 5.60
N LYS B 100 1.24 21.06 6.79
CA LYS B 100 2.03 21.07 8.01
C LYS B 100 3.04 19.93 7.86
N TYR B 101 4.31 20.19 8.19
CA TYR B 101 5.36 19.20 7.95
C TYR B 101 6.56 19.23 8.92
N LYS B 102 7.30 18.12 8.91
CA LYS B 102 8.54 17.93 9.65
C LYS B 102 9.54 17.18 8.78
N PHE B 103 10.82 17.35 9.08
CA PHE B 103 11.88 16.53 8.49
C PHE B 103 12.42 15.65 9.59
N VAL B 104 12.16 14.36 9.49
CA VAL B 104 12.61 13.40 10.50
C VAL B 104 13.59 12.40 9.88
N ARG B 105 14.45 11.83 10.72
CA ARG B 105 15.30 10.75 10.27
C ARG B 105 14.71 9.44 10.74
N ILE B 106 14.27 8.61 9.80
CA ILE B 106 13.69 7.29 10.11
C ILE B 106 14.77 6.33 10.64
N GLN B 107 14.36 5.42 11.52
CA GLN B 107 15.26 4.45 12.14
C GLN B 107 15.14 3.07 11.46
N PRO B 108 16.21 2.25 11.50
CA PRO B 108 16.08 0.91 10.92
C PRO B 108 14.95 0.15 11.60
N GLY B 109 14.17 -0.57 10.81
CA GLY B 109 13.02 -1.31 11.32
C GLY B 109 11.69 -0.55 11.26
N GLN B 110 11.77 0.77 11.17
CA GLN B 110 10.55 1.59 11.09
C GLN B 110 10.03 1.60 9.66
N THR B 111 8.74 1.91 9.51
CA THR B 111 8.16 1.90 8.18
C THR B 111 7.76 3.29 7.72
N PHE B 112 7.49 3.38 6.42
CA PHE B 112 7.00 4.60 5.81
C PHE B 112 6.30 4.32 4.49
N SER B 113 5.68 5.36 3.92
CA SER B 113 4.98 5.29 2.64
C SER B 113 5.79 6.03 1.57
N VAL B 114 5.88 5.44 0.39
CA VAL B 114 6.53 6.07 -0.74
C VAL B 114 5.47 6.43 -1.80
N LEU B 115 5.48 7.69 -2.21
CA LEU B 115 4.68 8.15 -3.33
C LEU B 115 5.62 8.16 -4.54
N ALA B 116 5.61 7.08 -5.30
CA ALA B 116 6.46 6.95 -6.49
C ALA B 116 5.98 7.89 -7.58
N CYS B 117 6.87 8.76 -8.05
CA CYS B 117 6.54 9.74 -9.07
C CYS B 117 7.47 9.65 -10.28
N TYR B 118 6.97 10.12 -11.43
CA TYR B 118 7.73 10.27 -12.68
C TYR B 118 7.27 11.55 -13.35
N ASN B 119 8.24 12.37 -13.77
CA ASN B 119 7.98 13.65 -14.44
C ASN B 119 7.13 14.62 -13.61
N GLY B 120 7.26 14.50 -12.29
CA GLY B 120 6.51 15.36 -11.36
C GLY B 120 5.10 14.89 -11.06
N SER B 121 4.70 13.76 -11.65
CA SER B 121 3.34 13.26 -11.45
C SER B 121 3.29 11.97 -10.63
N PRO B 122 2.42 11.95 -9.61
CA PRO B 122 2.23 10.75 -8.77
C PRO B 122 1.77 9.56 -9.59
N SER B 123 2.52 8.46 -9.49
CA SER B 123 2.18 7.23 -10.17
C SER B 123 1.53 6.22 -9.19
N GLY B 124 1.98 6.20 -7.93
CA GLY B 124 1.43 5.24 -6.97
C GLY B 124 2.05 5.29 -5.59
N VAL B 125 1.37 4.64 -4.64
CA VAL B 125 1.80 4.70 -3.25
C VAL B 125 1.91 3.30 -2.64
N TYR B 126 3.01 3.06 -1.94
CA TYR B 126 3.24 1.79 -1.29
C TYR B 126 3.95 1.97 0.06
N GLN B 127 3.94 0.90 0.86
CA GLN B 127 4.58 0.81 2.16
C GLN B 127 5.91 0.09 2.01
N CYS B 128 6.84 0.40 2.91
CA CYS B 128 8.12 -0.31 3.00
C CYS B 128 8.83 0.05 4.30
N ALA B 129 9.94 -0.64 4.55
CA ALA B 129 10.73 -0.45 5.76
C ALA B 129 12.15 -0.03 5.46
N MET B 130 12.69 0.80 6.35
CA MET B 130 14.10 1.08 6.40
C MET B 130 14.74 -0.21 6.90
N ARG B 131 15.56 -0.84 6.07
CA ARG B 131 16.24 -2.08 6.47
C ARG B 131 17.38 -1.74 7.43
N PRO B 132 17.79 -2.69 8.29
CA PRO B 132 18.96 -2.45 9.17
C PRO B 132 20.26 -2.14 8.41
N ASN B 133 20.46 -2.72 7.22
CA ASN B 133 21.61 -2.36 6.38
C ASN B 133 21.46 -0.99 5.65
N HIS B 134 20.38 -0.27 5.99
CA HIS B 134 20.09 1.11 5.56
C HIS B 134 19.66 1.27 4.10
N THR B 135 19.17 0.17 3.53
CA THR B 135 18.58 0.16 2.20
C THR B 135 17.06 0.07 2.38
N ILE B 136 16.33 0.24 1.28
CA ILE B 136 14.88 -0.09 1.25
C ILE B 136 14.62 -1.04 0.08
N LYS B 137 13.66 -1.94 0.26
CA LYS B 137 13.18 -2.79 -0.82
C LYS B 137 12.00 -2.09 -1.45
N GLY B 138 12.31 -1.08 -2.26
CA GLY B 138 11.29 -0.28 -2.90
C GLY B 138 10.92 -0.77 -4.28
N SER B 139 10.09 0.02 -4.95
CA SER B 139 9.74 -0.23 -6.33
C SER B 139 9.97 1.06 -7.09
N PHE B 140 11.02 1.06 -7.90
CA PHE B 140 11.47 2.27 -8.56
C PHE B 140 12.05 2.00 -9.93
N LEU B 141 11.76 2.90 -10.85
CA LEU B 141 12.31 2.86 -12.19
C LEU B 141 13.09 4.15 -12.41
N ASN B 142 13.83 4.21 -13.52
CA ASN B 142 14.53 5.43 -13.91
C ASN B 142 13.54 6.59 -14.02
N GLY B 143 13.89 7.73 -13.43
CA GLY B 143 13.02 8.90 -13.37
C GLY B 143 12.33 9.10 -12.03
N SER B 144 12.44 8.11 -11.14
CA SER B 144 11.76 8.18 -9.85
C SER B 144 12.48 9.05 -8.80
N CYS B 145 13.74 9.41 -9.06
CA CYS B 145 14.49 10.29 -8.15
C CYS B 145 13.70 11.52 -7.77
N GLY B 146 13.80 11.89 -6.51
CA GLY B 146 13.00 12.96 -5.98
C GLY B 146 11.75 12.46 -5.29
N SER B 147 11.35 11.21 -5.55
CA SER B 147 10.21 10.60 -4.84
C SER B 147 10.55 10.53 -3.37
N VAL B 148 9.55 10.84 -2.54
CA VAL B 148 9.74 10.91 -1.10
C VAL B 148 9.02 9.80 -0.32
N GLY B 149 9.57 9.53 0.86
CA GLY B 149 9.00 8.61 1.84
C GLY B 149 8.55 9.44 3.02
N PHE B 150 7.43 9.04 3.62
CA PHE B 150 6.78 9.85 4.65
C PHE B 150 5.84 9.05 5.57
N ASN B 151 5.51 9.69 6.68
CA ASN B 151 4.43 9.26 7.55
C ASN B 151 3.58 10.49 7.86
N ILE B 152 2.35 10.26 8.28
CA ILE B 152 1.44 11.36 8.65
C ILE B 152 0.94 11.16 10.07
N ASP B 153 1.21 12.15 10.91
CA ASP B 153 0.74 12.18 12.30
C ASP B 153 -0.22 13.34 12.42
N TYR B 154 -1.50 13.00 12.64
CA TYR B 154 -2.61 13.94 12.62
C TYR B 154 -2.70 14.62 11.26
N ASP B 155 -2.36 15.90 11.19
CA ASP B 155 -2.35 16.64 9.92
C ASP B 155 -0.92 16.97 9.48
N CYS B 156 0.06 16.40 10.17
CA CYS B 156 1.47 16.72 9.95
C CYS B 156 2.23 15.64 9.18
N VAL B 157 2.78 16.03 8.03
CA VAL B 157 3.56 15.13 7.18
C VAL B 157 5.03 15.10 7.63
N SER B 158 5.50 13.93 8.04
CA SER B 158 6.91 13.76 8.38
C SER B 158 7.63 13.12 7.20
N PHE B 159 8.28 13.96 6.39
CA PHE B 159 9.10 13.47 5.28
C PHE B 159 10.36 12.87 5.86
N CYS B 160 10.68 11.64 5.46
CA CYS B 160 11.87 10.97 5.99
C CYS B 160 12.81 10.46 4.92
N TYR B 161 12.35 10.35 3.68
CA TYR B 161 13.19 9.79 2.63
C TYR B 161 13.07 10.51 1.30
N MET B 162 14.19 10.67 0.61
CA MET B 162 14.17 11.09 -0.80
C MET B 162 15.03 10.11 -1.61
N HIS B 163 14.46 9.61 -2.70
CA HIS B 163 15.12 8.58 -3.50
C HIS B 163 16.21 9.12 -4.41
N HIS B 164 17.35 8.43 -4.41
CA HIS B 164 18.52 8.79 -5.21
C HIS B 164 18.96 7.72 -6.20
N MET B 165 18.97 6.45 -5.75
CA MET B 165 19.61 5.39 -6.53
C MET B 165 19.23 3.94 -6.17
N GLU B 166 19.51 3.04 -7.12
CA GLU B 166 19.34 1.61 -6.92
C GLU B 166 20.70 0.94 -6.92
N LEU B 167 20.86 -0.05 -6.03
CA LEU B 167 22.08 -0.84 -5.90
C LEU B 167 22.00 -2.12 -6.75
N PRO B 168 23.16 -2.78 -7.04
CA PRO B 168 23.21 -3.99 -7.90
C PRO B 168 22.25 -5.13 -7.52
N THR B 169 21.96 -5.25 -6.23
CA THR B 169 21.03 -6.26 -5.72
C THR B 169 19.57 -5.95 -6.05
N GLY B 170 19.31 -4.70 -6.44
CA GLY B 170 17.93 -4.27 -6.76
C GLY B 170 17.27 -3.53 -5.61
N VAL B 171 18.02 -3.29 -4.53
CA VAL B 171 17.49 -2.53 -3.41
C VAL B 171 17.82 -1.06 -3.64
N HIS B 172 17.27 -0.19 -2.80
CA HIS B 172 17.34 1.25 -3.04
C HIS B 172 17.97 2.05 -1.91
N ALA B 173 18.63 3.12 -2.29
CA ALA B 173 19.31 3.99 -1.36
C ALA B 173 18.95 5.43 -1.66
N GLY B 174 18.88 6.22 -0.60
CA GLY B 174 18.63 7.65 -0.70
C GLY B 174 18.89 8.33 0.63
N THR B 175 18.34 9.53 0.79
CA THR B 175 18.66 10.40 1.93
C THR B 175 17.44 10.82 2.70
N ASP B 176 17.66 11.49 3.84
CA ASP B 176 16.61 12.23 4.51
C ASP B 176 16.45 13.57 3.79
N LEU B 177 15.66 14.47 4.37
CA LEU B 177 15.38 15.75 3.71
C LEU B 177 16.39 16.86 4.06
N GLU B 178 17.47 16.46 4.74
CA GLU B 178 18.64 17.29 4.95
C GLU B 178 19.77 16.80 4.03
N GLY B 179 19.47 15.79 3.22
CA GLY B 179 20.43 15.27 2.26
C GLY B 179 21.51 14.34 2.79
N LYS B 180 21.39 13.91 4.04
CA LYS B 180 22.32 12.93 4.60
C LYS B 180 21.84 11.55 4.20
N PHE B 181 22.67 10.80 3.48
CA PHE B 181 22.35 9.43 3.10
C PHE B 181 22.02 8.52 4.29
N TYR B 182 21.11 7.58 4.05
CA TYR B 182 20.90 6.47 4.96
C TYR B 182 21.96 5.44 4.60
N GLY B 183 22.79 5.08 5.58
CA GLY B 183 23.88 4.15 5.36
C GLY B 183 25.15 4.79 4.82
N PRO B 184 26.15 3.96 4.45
CA PRO B 184 27.46 4.49 4.05
C PRO B 184 27.52 4.91 2.58
N PHE B 185 26.37 4.95 1.91
CA PHE B 185 26.31 5.13 0.46
C PHE B 185 26.62 6.55 -0.01
N VAL B 186 27.10 6.66 -1.24
CA VAL B 186 27.50 7.94 -1.83
C VAL B 186 26.87 8.16 -3.19
N ASP B 187 26.56 9.41 -3.53
CA ASP B 187 26.01 9.69 -4.85
C ASP B 187 27.08 9.75 -5.92
N ILE B 188 27.64 8.56 -6.21
CA ILE B 188 28.63 8.33 -7.25
C ILE B 188 28.26 7.03 -7.95
N GLN B 189 28.35 6.99 -9.27
CA GLN B 189 28.07 5.77 -10.03
C GLN B 189 29.32 4.88 -10.06
N THR B 190 29.59 4.24 -8.92
CA THR B 190 30.68 3.30 -8.75
C THR B 190 30.14 2.09 -7.98
N ALA B 191 30.91 0.99 -7.94
CA ALA B 191 30.52 -0.21 -7.20
C ALA B 191 30.24 0.06 -5.71
N GLN B 192 28.99 -0.08 -5.33
CA GLN B 192 28.60 0.01 -3.93
C GLN B 192 27.78 -1.21 -3.61
N ALA B 193 27.99 -1.74 -2.42
CA ALA B 193 27.29 -2.94 -2.02
C ALA B 193 26.55 -2.71 -0.71
N ALA B 194 25.32 -3.18 -0.66
CA ALA B 194 24.57 -3.22 0.58
C ALA B 194 25.30 -4.16 1.53
N GLY B 195 25.44 -3.74 2.78
CA GLY B 195 25.98 -4.62 3.82
C GLY B 195 25.02 -5.81 3.99
N THR B 196 25.51 -6.88 4.62
CA THR B 196 24.68 -8.05 4.89
C THR B 196 23.47 -7.61 5.71
N ASP B 197 22.28 -7.90 5.21
CA ASP B 197 21.07 -7.49 5.90
C ASP B 197 20.75 -8.40 7.09
N THR B 198 20.01 -7.84 8.04
CA THR B 198 19.51 -8.60 9.18
C THR B 198 17.98 -8.52 9.21
N THR B 199 17.36 -9.43 9.95
CA THR B 199 15.92 -9.46 10.09
C THR B 199 15.48 -8.55 11.25
N ILE B 200 14.42 -7.78 11.02
CA ILE B 200 13.86 -6.85 12.01
C ILE B 200 13.05 -7.66 13.02
N THR B 201 13.73 -8.10 14.07
CA THR B 201 13.14 -8.96 15.09
C THR B 201 11.87 -8.37 15.72
N LEU B 202 11.91 -7.09 16.09
CA LEU B 202 10.72 -6.44 16.68
C LEU B 202 9.46 -6.72 15.86
N ASN B 203 9.60 -6.63 14.53
CA ASN B 203 8.49 -6.79 13.62
C ASN B 203 8.06 -8.23 13.46
N VAL B 204 9.02 -9.16 13.44
CA VAL B 204 8.71 -10.59 13.42
C VAL B 204 7.84 -10.94 14.64
N LEU B 205 8.18 -10.39 15.80
CA LEU B 205 7.41 -10.65 17.03
C LEU B 205 6.00 -10.07 16.95
N ALA B 206 5.88 -8.85 16.42
CA ALA B 206 4.59 -8.23 16.12
C ALA B 206 3.74 -9.15 15.23
N TRP B 207 4.37 -9.67 14.19
CA TRP B 207 3.72 -10.54 13.22
C TRP B 207 3.26 -11.84 13.88
N LEU B 208 4.06 -12.37 14.79
CA LEU B 208 3.70 -13.58 15.55
C LEU B 208 2.53 -13.31 16.48
N TYR B 209 2.52 -12.13 17.11
CA TYR B 209 1.35 -11.70 17.88
C TYR B 209 0.10 -11.63 17.00
N ALA B 210 0.27 -11.05 15.80
CA ALA B 210 -0.82 -10.95 14.84
C ALA B 210 -1.30 -12.35 14.46
N ALA B 211 -0.37 -13.28 14.32
CA ALA B 211 -0.70 -14.67 13.96
C ALA B 211 -1.55 -15.31 15.07
N VAL B 212 -1.16 -15.09 16.32
CA VAL B 212 -1.93 -15.54 17.49
C VAL B 212 -3.33 -14.92 17.52
N ILE B 213 -3.42 -13.62 17.22
CA ILE B 213 -4.69 -12.91 17.24
C ILE B 213 -5.67 -13.53 16.23
N ASN B 214 -5.18 -13.85 15.03
CA ASN B 214 -5.98 -14.56 14.01
C ASN B 214 -6.08 -16.08 14.23
N GLY B 215 -5.64 -16.54 15.41
CA GLY B 215 -5.79 -17.95 15.79
C GLY B 215 -4.77 -18.93 15.25
N ASP B 216 -3.68 -18.42 14.68
CA ASP B 216 -2.55 -19.25 14.26
C ASP B 216 -1.63 -19.38 15.50
N ARG B 217 -1.63 -20.55 16.12
CA ARG B 217 -1.02 -20.72 17.46
C ARG B 217 0.00 -21.85 17.66
N TRP B 218 0.26 -22.66 16.63
CA TRP B 218 1.09 -23.88 16.80
C TRP B 218 2.51 -23.63 17.33
N PHE B 219 3.05 -22.43 17.08
CA PHE B 219 4.44 -22.09 17.41
C PHE B 219 4.72 -21.73 18.86
N LEU B 220 3.68 -21.49 19.66
CA LEU B 220 3.88 -21.18 21.06
C LEU B 220 4.44 -22.39 21.82
N ASN B 221 5.27 -22.12 22.81
CA ASN B 221 5.83 -23.13 23.72
C ASN B 221 5.89 -22.56 25.13
N ARG B 222 6.30 -23.39 26.08
CA ARG B 222 6.43 -22.95 27.48
C ARG B 222 7.88 -22.90 27.97
N PHE B 223 8.82 -22.81 27.04
CA PHE B 223 10.22 -22.58 27.40
C PHE B 223 10.40 -21.14 27.91
N THR B 224 11.47 -20.93 28.67
CA THR B 224 11.81 -19.62 29.20
C THR B 224 13.09 -19.14 28.53
N THR B 225 13.18 -17.84 28.32
CA THR B 225 14.43 -17.23 27.87
C THR B 225 14.64 -15.90 28.58
N THR B 226 15.86 -15.41 28.49
CA THR B 226 16.19 -14.08 28.95
C THR B 226 16.38 -13.25 27.70
N LEU B 227 16.39 -11.94 27.87
CA LEU B 227 16.67 -11.05 26.78
C LEU B 227 18.09 -11.33 26.24
N ASN B 228 19.02 -11.58 27.16
CA ASN B 228 20.41 -11.87 26.81
C ASN B 228 20.57 -13.16 26.03
N ASP B 229 20.01 -14.26 26.55
CA ASP B 229 20.08 -15.56 25.89
C ASP B 229 19.37 -15.54 24.53
N PHE B 230 18.24 -14.84 24.45
CA PHE B 230 17.54 -14.73 23.16
C PHE B 230 18.36 -13.94 22.12
N ASN B 231 18.86 -12.78 22.53
CA ASN B 231 19.66 -11.93 21.64
C ASN B 231 20.92 -12.65 21.13
N LEU B 232 21.51 -13.51 21.97
CA LEU B 232 22.69 -14.28 21.59
C LEU B 232 22.39 -15.28 20.48
N VAL B 233 21.19 -15.85 20.55
CA VAL B 233 20.71 -16.76 19.53
C VAL B 233 20.34 -15.97 18.28
N ALA B 234 19.63 -14.86 18.46
CA ALA B 234 19.15 -14.04 17.35
C ALA B 234 20.29 -13.66 16.42
N MET B 235 21.38 -13.16 17.03
CA MET B 235 22.51 -12.67 16.27
C MET B 235 23.23 -13.72 15.44
N LYS B 236 23.19 -14.98 15.86
CA LYS B 236 23.84 -16.01 15.03
C LYS B 236 22.97 -16.40 13.82
N TYR B 237 21.68 -16.06 13.84
CA TYR B 237 20.82 -16.24 12.66
C TYR B 237 20.61 -14.97 11.84
N ASN B 238 21.42 -13.95 12.12
CA ASN B 238 21.26 -12.61 11.51
C ASN B 238 19.91 -11.93 11.82
N TYR B 239 19.40 -12.18 13.00
CA TYR B 239 18.26 -11.44 13.49
C TYR B 239 18.81 -10.33 14.38
N GLU B 240 18.27 -9.13 14.24
CA GLU B 240 18.59 -8.03 15.14
C GLU B 240 18.40 -8.41 16.61
N PRO B 241 19.33 -8.02 17.50
CA PRO B 241 19.04 -8.20 18.92
C PRO B 241 17.83 -7.33 19.33
N LEU B 242 17.16 -7.74 20.39
CA LEU B 242 15.99 -7.02 20.85
C LEU B 242 16.40 -6.11 22.00
N THR B 243 16.00 -4.84 21.95
CA THR B 243 16.31 -3.90 23.03
C THR B 243 15.26 -3.89 24.14
N GLN B 244 15.58 -3.17 25.21
CA GLN B 244 14.65 -2.89 26.29
C GLN B 244 13.41 -2.16 25.76
N ASP B 245 13.63 -1.16 24.91
CA ASP B 245 12.56 -0.39 24.27
C ASP B 245 11.61 -1.29 23.47
N HIS B 246 12.17 -2.27 22.77
CA HIS B 246 11.39 -3.20 21.95
C HIS B 246 10.43 -4.07 22.76
N VAL B 247 10.88 -4.48 23.96
CA VAL B 247 10.06 -5.22 24.91
C VAL B 247 8.87 -4.34 25.34
N ASP B 248 9.18 -3.09 25.68
CA ASP B 248 8.21 -2.04 25.99
C ASP B 248 7.13 -1.93 24.91
N ILE B 249 7.59 -1.82 23.66
CA ILE B 249 6.72 -1.56 22.51
C ILE B 249 5.73 -2.71 22.25
N LEU B 250 6.13 -3.95 22.55
CA LEU B 250 5.26 -5.10 22.38
C LEU B 250 4.29 -5.29 23.55
N GLY B 251 4.44 -4.43 24.57
CA GLY B 251 3.58 -4.43 25.77
C GLY B 251 2.09 -4.60 25.52
N PRO B 252 1.48 -3.74 24.67
CA PRO B 252 0.04 -3.88 24.36
C PRO B 252 -0.38 -5.21 23.73
N LEU B 253 0.46 -5.75 22.83
CA LEU B 253 0.19 -7.03 22.19
C LEU B 253 0.34 -8.19 23.18
N SER B 254 1.25 -8.01 24.13
CA SER B 254 1.46 -8.97 25.20
C SER B 254 0.22 -9.05 26.13
N ALA B 255 -0.33 -7.89 26.51
CA ALA B 255 -1.53 -7.84 27.36
C ALA B 255 -2.75 -8.42 26.66
N GLN B 256 -2.98 -7.98 25.42
CA GLN B 256 -4.14 -8.40 24.63
C GLN B 256 -4.24 -9.92 24.42
N THR B 257 -3.09 -10.58 24.20
CA THR B 257 -3.07 -12.03 23.95
C THR B 257 -2.73 -12.85 25.21
N GLY B 258 -2.22 -12.18 26.24
CA GLY B 258 -1.76 -12.86 27.45
C GLY B 258 -0.46 -13.64 27.28
N ILE B 259 0.30 -13.31 26.24
CA ILE B 259 1.58 -13.99 26.01
C ILE B 259 2.72 -13.03 26.31
N ALA B 260 3.46 -13.32 27.38
CA ALA B 260 4.62 -12.50 27.76
C ALA B 260 5.59 -12.38 26.59
N VAL B 261 6.19 -11.19 26.44
CA VAL B 261 7.13 -10.91 25.35
C VAL B 261 8.28 -11.94 25.29
N LEU B 262 8.89 -12.24 26.45
CA LEU B 262 10.00 -13.19 26.49
C LEU B 262 9.55 -14.61 26.13
N ASP B 263 8.28 -14.92 26.40
CA ASP B 263 7.69 -16.18 25.99
C ASP B 263 7.53 -16.27 24.47
N MET B 264 7.13 -15.16 23.83
CA MET B 264 7.12 -15.09 22.36
C MET B 264 8.55 -15.18 21.80
N CYS B 265 9.49 -14.54 22.51
CA CYS B 265 10.91 -14.70 22.21
C CYS B 265 11.33 -16.17 22.28
N ALA B 266 10.87 -16.90 23.30
CA ALA B 266 11.14 -18.33 23.42
C ALA B 266 10.55 -19.11 22.22
N ALA B 267 9.33 -18.75 21.81
CA ALA B 267 8.75 -19.31 20.58
C ALA B 267 9.62 -19.02 19.34
N LEU B 268 10.00 -17.76 19.14
CA LEU B 268 10.84 -17.39 17.99
C LEU B 268 12.20 -18.10 18.03
N LYS B 269 12.79 -18.19 19.22
CA LYS B 269 14.06 -18.88 19.45
C LYS B 269 14.01 -20.29 18.87
N GLU B 270 12.94 -21.00 19.20
CA GLU B 270 12.71 -22.38 18.75
C GLU B 270 12.52 -22.44 17.22
N LEU B 271 11.82 -21.46 16.66
CA LEU B 271 11.64 -21.37 15.21
C LEU B 271 12.97 -21.23 14.46
N LEU B 272 13.88 -20.42 15.00
CA LEU B 272 15.20 -20.23 14.41
C LEU B 272 16.04 -21.50 14.45
N GLN B 273 16.04 -22.16 15.61
CA GLN B 273 16.87 -23.34 15.84
C GLN B 273 16.40 -24.58 15.07
N ASN B 274 15.08 -24.73 14.93
CA ASN B 274 14.47 -25.92 14.30
C ASN B 274 13.92 -25.72 12.89
N GLY B 275 13.61 -24.49 12.53
CA GLY B 275 12.97 -24.20 11.25
C GLY B 275 11.45 -24.32 11.35
N MET B 276 10.79 -24.07 10.23
CA MET B 276 9.33 -24.12 10.17
C MET B 276 8.85 -25.53 9.83
N ASN B 277 9.77 -26.37 9.38
CA ASN B 277 9.50 -27.65 8.70
C ASN B 277 8.89 -27.23 7.36
N GLY B 278 7.62 -27.54 7.16
CA GLY B 278 6.84 -27.01 6.02
C GLY B 278 5.61 -26.29 6.55
N ARG B 279 5.62 -26.01 7.85
CA ARG B 279 4.49 -25.37 8.53
C ARG B 279 4.39 -23.91 8.15
N THR B 280 3.16 -23.39 8.23
CA THR B 280 2.89 -22.02 7.86
C THR B 280 2.42 -21.21 9.07
N ILE B 281 2.75 -19.92 9.02
CA ILE B 281 2.22 -18.94 9.94
C ILE B 281 1.60 -17.87 9.04
N LEU B 282 0.30 -17.61 9.25
CA LEU B 282 -0.49 -16.68 8.43
C LEU B 282 -0.35 -16.97 6.93
N GLY B 283 -0.28 -18.25 6.60
CA GLY B 283 -0.14 -18.73 5.22
C GLY B 283 1.29 -18.86 4.71
N SER B 284 2.25 -18.33 5.48
CA SER B 284 3.64 -18.22 5.02
C SER B 284 4.62 -19.13 5.75
N THR B 285 5.58 -19.67 4.99
CA THR B 285 6.68 -20.49 5.55
C THR B 285 7.89 -19.62 5.94
N ILE B 286 7.86 -18.33 5.58
CA ILE B 286 8.89 -17.39 6.06
C ILE B 286 8.28 -16.35 7.01
N LEU B 287 9.12 -15.83 7.91
CA LEU B 287 8.67 -14.85 8.90
C LEU B 287 8.72 -13.43 8.33
N GLU B 288 7.58 -12.75 8.38
CA GLU B 288 7.42 -11.37 7.91
C GLU B 288 8.07 -10.39 8.88
N ASP B 289 8.82 -9.41 8.37
CA ASP B 289 9.49 -8.44 9.23
C ASP B 289 9.28 -6.96 8.86
N GLU B 290 8.24 -6.67 8.07
CA GLU B 290 7.95 -5.28 7.67
C GLU B 290 6.54 -4.84 8.10
N PHE B 291 6.02 -5.55 9.09
CA PHE B 291 4.72 -5.27 9.68
C PHE B 291 4.99 -4.97 11.17
N THR B 292 4.78 -3.71 11.55
CA THR B 292 5.20 -3.21 12.86
C THR B 292 4.24 -3.53 14.01
N PRO B 293 4.71 -3.42 15.28
CA PRO B 293 3.81 -3.49 16.43
C PRO B 293 2.64 -2.50 16.34
N PHE B 294 2.90 -1.31 15.81
CA PHE B 294 1.89 -0.28 15.63
C PHE B 294 0.83 -0.67 14.59
N ASP B 295 1.28 -1.34 13.52
CA ASP B 295 0.37 -1.88 12.49
C ASP B 295 -0.58 -2.89 13.10
N VAL B 296 -0.02 -3.86 13.83
CA VAL B 296 -0.79 -4.92 14.46
C VAL B 296 -1.78 -4.37 15.50
N VAL B 297 -1.29 -3.54 16.42
CA VAL B 297 -2.14 -2.92 17.46
C VAL B 297 -3.32 -2.18 16.84
N ARG B 298 -3.00 -1.31 15.88
CA ARG B 298 -3.98 -0.46 15.20
C ARG B 298 -5.06 -1.30 14.53
N GLN B 299 -4.66 -2.41 13.92
CA GLN B 299 -5.57 -3.22 13.13
C GLN B 299 -6.33 -4.31 13.91
N CYS B 300 -6.29 -4.25 15.24
CA CYS B 300 -7.07 -5.16 16.10
C CYS B 300 -8.16 -4.41 16.84
C ACE C 1 -20.93 -11.84 12.23
O ACE C 1 -19.77 -11.51 12.00
CH3 ACE C 1 -21.24 -12.90 13.28
N THR C 2 -22.01 -11.34 11.60
CA THR C 2 -21.91 -10.28 10.57
C THR C 2 -21.92 -8.95 11.34
N VAL C 3 -20.84 -8.21 11.16
CA VAL C 3 -20.66 -6.93 11.85
C VAL C 3 -20.71 -5.79 10.82
N ALC C 4 -21.57 -4.81 11.13
CA ALC C 4 -21.75 -3.61 10.32
C ALC C 4 -20.62 -2.70 10.76
O ALC C 4 -20.38 -2.55 11.96
CB ALC C 4 -23.10 -2.90 10.63
CG ALC C 4 -24.35 -3.71 10.24
CD2 ALC C 4 -25.57 -2.78 10.35
CE2 ALC C 4 -26.91 -3.43 9.90
CZ ALC C 4 -26.79 -4.15 8.54
CE1 ALC C 4 -25.54 -5.06 8.43
CD1 ALC C 4 -24.25 -4.31 8.82
N HSV C 5 -19.91 -2.14 9.79
CA HSV C 5 -18.78 -1.26 10.15
CB HSV C 5 -17.58 -1.53 9.23
CG HSV C 5 -16.77 -2.70 9.76
ND1 HSV C 5 -15.86 -3.40 9.07
CD2 HSV C 5 -16.80 -3.20 10.99
CE1 HSV C 5 -15.35 -4.33 9.87
NE2 HSV C 5 -15.93 -4.21 11.07
C HSV C 5 -19.29 0.20 10.12
O HSV C 5 -18.53 1.17 10.05
C ACE D 1 24.85 -0.80 -10.10
O ACE D 1 23.68 -1.03 -9.80
CH3 ACE D 1 25.74 -1.79 -10.80
N THR D 2 25.51 0.25 -9.78
CA THR D 2 24.78 1.39 -9.25
C THR D 2 24.12 2.19 -10.37
N VAL D 3 22.82 2.43 -10.23
CA VAL D 3 22.06 3.18 -11.23
C VAL D 3 21.30 4.30 -10.50
N ALC D 4 21.56 5.51 -10.99
CA ALC D 4 20.93 6.75 -10.51
C ALC D 4 19.56 6.73 -11.14
O ALC D 4 19.44 6.35 -12.31
CB ALC D 4 21.72 7.97 -11.02
CG ALC D 4 23.13 8.06 -10.41
CD2 ALC D 4 23.72 9.46 -10.70
CE2 ALC D 4 25.13 9.63 -10.09
CZ ALC D 4 25.18 9.26 -8.61
CE1 ALC D 4 24.56 7.87 -8.33
CD1 ALC D 4 23.13 7.80 -8.89
N HSV D 5 18.54 7.08 -10.38
CA HSV D 5 17.17 7.01 -10.95
CB HSV D 5 16.19 6.36 -9.93
CG HSV D 5 16.19 4.84 -10.06
ND1 HSV D 5 15.78 3.98 -9.15
CD2 HSV D 5 16.60 4.13 -11.12
CE1 HSV D 5 15.94 2.75 -9.62
NE2 HSV D 5 16.44 2.83 -10.85
C HSV D 5 16.73 8.41 -11.40
O HSV D 5 15.62 8.87 -11.21
#